data_1ZY2
#
_entry.id   1ZY2
#
_cell.length_a   91.517
_cell.length_b   91.517
_cell.length_c   130.942
_cell.angle_alpha   90.00
_cell.angle_beta   90.00
_cell.angle_gamma   120.00
#
_symmetry.space_group_name_H-M   'P 31 2 1'
#
loop_
_entity.id
_entity.type
_entity.pdbx_description
1 polymer 'transcriptional regulator NtrC1'
2 non-polymer 'MAGNESIUM ION'
3 water water
#
_entity_poly.entity_id   1
_entity_poly.type   'polypeptide(L)'
_entity_poly.pdbx_seq_one_letter_code
;MNVLVIEDDKVFRGLLEEYLSMKGIKVESAERGKEAYKLLSEKHFNVVLL(PHD)LLLPDVNGLEILKWIKERSPETEVI
VITGHGTIKTAVEAMKMGAYDFLTKPCMLEEIELTINKAIEHRKLRKENELLRREKDLKEKLAAALEHHHHHHH
;
_entity_poly.pdbx_strand_id   A,B
#
loop_
_chem_comp.id
_chem_comp.type
_chem_comp.name
_chem_comp.formula
MG non-polymer 'MAGNESIUM ION' 'Mg 2'
#
# COMPACT_ATOMS: atom_id res chain seq x y z
N MET A 1 11.46 -6.04 -22.18
CA MET A 1 10.42 -5.63 -21.19
C MET A 1 9.18 -5.01 -21.83
N ASN A 2 8.00 -5.44 -21.38
CA ASN A 2 6.71 -4.95 -21.89
C ASN A 2 6.03 -3.99 -20.94
N VAL A 3 5.56 -2.88 -21.47
CA VAL A 3 4.83 -1.92 -20.65
C VAL A 3 3.55 -1.58 -21.36
N LEU A 4 2.43 -1.87 -20.73
CA LEU A 4 1.14 -1.54 -21.32
C LEU A 4 0.68 -0.24 -20.73
N VAL A 5 0.56 0.81 -21.52
CA VAL A 5 0.06 2.09 -21.03
C VAL A 5 -1.44 2.11 -21.20
N ILE A 6 -2.16 2.63 -20.23
CA ILE A 6 -3.60 2.64 -20.33
C ILE A 6 -4.19 3.98 -19.96
N GLU A 7 -3.82 5.01 -20.70
CA GLU A 7 -4.31 6.37 -20.46
C GLU A 7 -5.19 6.68 -21.66
N ASP A 8 -6.06 7.67 -21.56
CA ASP A 8 -6.89 7.99 -22.71
C ASP A 8 -6.63 9.41 -23.21
N ASP A 9 -5.72 10.12 -22.52
CA ASP A 9 -5.36 11.46 -22.92
C ASP A 9 -4.38 11.34 -24.08
N LYS A 10 -4.94 11.26 -25.28
CA LYS A 10 -4.18 11.13 -26.52
C LYS A 10 -2.75 11.64 -26.50
N VAL A 11 -2.51 12.74 -25.79
CA VAL A 11 -1.15 13.30 -25.75
C VAL A 11 -0.25 12.59 -24.76
N PHE A 12 -0.66 12.61 -23.49
CA PHE A 12 0.14 12.00 -22.45
C PHE A 12 0.41 10.57 -22.85
N ARG A 13 -0.65 9.84 -23.17
CA ARG A 13 -0.45 8.46 -23.59
C ARG A 13 0.62 8.39 -24.67
N GLY A 14 0.51 9.27 -25.66
CA GLY A 14 1.48 9.30 -26.74
C GLY A 14 2.87 9.61 -26.25
N LEU A 15 3.03 10.65 -25.45
CA LEU A 15 4.36 11.01 -24.95
C LEU A 15 4.99 9.78 -24.31
N LEU A 16 4.27 9.11 -23.41
CA LEU A 16 4.81 7.92 -22.75
C LEU A 16 5.34 6.92 -23.76
N GLU A 17 4.48 6.43 -24.63
CA GLU A 17 4.90 5.45 -25.65
C GLU A 17 6.20 5.93 -26.26
N GLU A 18 6.17 7.18 -26.69
CA GLU A 18 7.29 7.81 -27.34
C GLU A 18 8.55 7.78 -26.44
N TYR A 19 8.44 8.32 -25.24
CA TYR A 19 9.54 8.36 -24.27
C TYR A 19 10.04 6.96 -23.96
N LEU A 20 9.26 6.22 -23.19
CA LEU A 20 9.59 4.85 -22.82
C LEU A 20 10.24 4.02 -23.92
N SER A 21 9.96 4.33 -25.18
CA SER A 21 10.53 3.57 -26.26
C SER A 21 12.02 3.83 -26.39
N MET A 22 12.43 5.09 -26.23
CA MET A 22 13.85 5.42 -26.29
C MET A 22 14.57 4.52 -25.29
N LYS A 23 14.11 4.57 -24.04
CA LYS A 23 14.71 3.74 -22.99
C LYS A 23 14.99 2.35 -23.59
N GLY A 24 14.01 1.81 -24.28
CA GLY A 24 14.17 0.50 -24.89
C GLY A 24 13.14 -0.45 -24.33
N ILE A 25 11.91 0.03 -24.25
CA ILE A 25 10.80 -0.75 -23.73
C ILE A 25 9.72 -1.00 -24.79
N LYS A 26 9.32 -2.25 -24.97
CA LYS A 26 8.28 -2.53 -25.94
C LYS A 26 7.04 -1.95 -25.28
N VAL A 27 6.43 -0.93 -25.90
CA VAL A 27 5.23 -0.32 -25.35
C VAL A 27 4.03 -0.55 -26.25
N GLU A 28 2.87 -0.65 -25.63
CA GLU A 28 1.62 -0.85 -26.33
C GLU A 28 0.63 -0.09 -25.47
N SER A 29 -0.15 0.81 -26.08
CA SER A 29 -1.11 1.62 -25.32
C SER A 29 -2.57 1.21 -25.52
N ALA A 30 -3.47 1.95 -24.88
CA ALA A 30 -4.89 1.67 -24.97
C ALA A 30 -5.76 2.81 -24.43
N GLU A 31 -6.74 3.24 -25.25
CA GLU A 31 -7.63 4.34 -24.89
C GLU A 31 -8.55 4.07 -23.72
N ARG A 32 -9.25 2.94 -23.80
CA ARG A 32 -10.23 2.57 -22.79
C ARG A 32 -9.99 1.20 -22.18
N GLY A 33 -10.74 0.94 -21.11
CA GLY A 33 -10.65 -0.31 -20.40
C GLY A 33 -10.81 -1.51 -21.32
N LYS A 34 -11.53 -1.37 -22.42
CA LYS A 34 -11.68 -2.53 -23.27
C LYS A 34 -10.43 -2.80 -24.08
N GLU A 35 -9.89 -1.79 -24.73
CA GLU A 35 -8.68 -2.02 -25.49
C GLU A 35 -7.64 -2.65 -24.54
N ALA A 36 -7.76 -2.30 -23.26
CA ALA A 36 -6.87 -2.85 -22.25
C ALA A 36 -7.21 -4.33 -22.02
N TYR A 37 -8.40 -4.64 -21.49
CA TYR A 37 -8.74 -6.05 -21.29
C TYR A 37 -8.48 -6.93 -22.53
N LYS A 38 -8.52 -6.36 -23.73
CA LYS A 38 -8.25 -7.19 -24.90
C LYS A 38 -6.78 -7.53 -24.81
N LEU A 39 -5.95 -6.48 -24.88
CA LEU A 39 -4.52 -6.64 -24.82
C LEU A 39 -3.99 -7.42 -23.61
N LEU A 40 -4.60 -7.24 -22.44
CA LEU A 40 -4.12 -7.99 -21.26
C LEU A 40 -4.58 -9.44 -21.28
N SER A 41 -5.32 -9.82 -22.31
CA SER A 41 -5.84 -11.18 -22.42
C SER A 41 -5.25 -11.90 -23.63
N GLU A 42 -4.20 -11.30 -24.17
CA GLU A 42 -3.51 -11.86 -25.34
C GLU A 42 -2.03 -12.01 -24.97
N LYS A 43 -1.45 -10.87 -24.62
CA LYS A 43 -0.06 -10.77 -24.22
C LYS A 43 0.02 -10.58 -22.72
N HIS A 44 1.24 -10.72 -22.22
CA HIS A 44 1.60 -10.56 -20.82
C HIS A 44 2.55 -9.37 -20.70
N PHE A 45 2.20 -8.41 -19.86
CA PHE A 45 3.08 -7.27 -19.66
C PHE A 45 3.68 -7.33 -18.24
N ASN A 46 4.92 -6.86 -18.10
CA ASN A 46 5.58 -6.85 -16.80
C ASN A 46 4.99 -5.73 -15.99
N VAL A 47 5.00 -4.55 -16.59
CA VAL A 47 4.50 -3.33 -15.98
C VAL A 47 3.30 -2.74 -16.71
N VAL A 48 2.49 -2.00 -15.99
CA VAL A 48 1.31 -1.39 -16.57
C VAL A 48 1.08 -0.03 -15.95
N LEU A 49 1.09 1.02 -16.76
CA LEU A 49 0.80 2.35 -16.24
C LEU A 49 -0.70 2.35 -16.32
N LEU A 50 -1.38 2.74 -15.24
CA LEU A 50 -2.83 2.69 -15.22
C LEU A 50 -3.55 3.97 -14.91
N PHD A 51 -4.24 4.59 -15.87
CA PHD A 51 -4.97 5.81 -15.51
C PHD A 51 -6.17 5.31 -14.69
O PHD A 51 -6.83 4.32 -15.02
CB PHD A 51 -5.47 6.61 -16.73
CG PHD A 51 -6.22 7.95 -16.32
OD1 PHD A 51 -5.94 8.55 -15.27
OD2 PHD A 51 -7.11 8.39 -17.08
P PHD A 51 -6.61 9.79 -14.75
OP1 PHD A 51 -5.56 10.78 -14.38
OP2 PHD A 51 -7.50 10.33 -15.80
OP3 PHD A 51 -7.41 9.36 -13.57
N LEU A 52 -6.42 6.01 -13.60
CA LEU A 52 -7.49 5.65 -12.70
C LEU A 52 -8.83 5.87 -13.38
N LEU A 53 -9.02 7.08 -13.91
CA LEU A 53 -10.28 7.50 -14.54
C LEU A 53 -10.33 7.32 -16.05
N LEU A 54 -11.06 6.30 -16.49
CA LEU A 54 -11.25 6.01 -17.90
C LEU A 54 -12.76 6.07 -18.11
N PRO A 55 -13.22 6.38 -19.35
CA PRO A 55 -14.63 6.50 -19.73
C PRO A 55 -15.57 5.32 -19.56
N ASP A 56 -15.11 4.09 -19.75
CA ASP A 56 -16.01 2.93 -19.66
C ASP A 56 -15.97 2.08 -18.40
N VAL A 57 -14.83 2.08 -17.74
CA VAL A 57 -14.66 1.30 -16.51
C VAL A 57 -13.74 2.04 -15.57
N ASN A 58 -13.83 1.73 -14.28
CA ASN A 58 -12.99 2.37 -13.28
C ASN A 58 -11.65 1.69 -13.05
N GLY A 59 -10.57 2.45 -13.24
CA GLY A 59 -9.22 1.92 -13.05
C GLY A 59 -9.07 0.67 -12.19
N LEU A 60 -9.32 0.85 -10.90
CA LEU A 60 -9.24 -0.26 -9.97
C LEU A 60 -9.78 -1.55 -10.58
N GLU A 61 -11.01 -1.54 -11.11
CA GLU A 61 -11.57 -2.76 -11.70
C GLU A 61 -10.50 -3.50 -12.50
N ILE A 62 -9.80 -2.78 -13.37
CA ILE A 62 -8.75 -3.38 -14.18
C ILE A 62 -7.67 -3.88 -13.24
N LEU A 63 -7.23 -3.02 -12.33
CA LEU A 63 -6.20 -3.38 -11.37
C LEU A 63 -6.50 -4.72 -10.76
N LYS A 64 -7.68 -4.82 -10.17
CA LYS A 64 -8.12 -6.06 -9.53
C LYS A 64 -7.89 -7.21 -10.51
N TRP A 65 -8.62 -7.21 -11.62
CA TRP A 65 -8.47 -8.27 -12.60
C TRP A 65 -7.01 -8.64 -12.90
N ILE A 66 -6.19 -7.65 -13.23
CA ILE A 66 -4.78 -7.92 -13.53
C ILE A 66 -4.13 -8.72 -12.40
N LYS A 67 -4.24 -8.21 -11.18
CA LYS A 67 -3.67 -8.93 -10.06
C LYS A 67 -4.33 -10.29 -9.94
N GLU A 68 -5.61 -10.30 -9.64
CA GLU A 68 -6.36 -11.56 -9.53
C GLU A 68 -6.05 -12.55 -10.67
N ARG A 69 -5.42 -12.08 -11.75
CA ARG A 69 -5.13 -12.99 -12.85
C ARG A 69 -3.64 -13.23 -13.05
N SER A 70 -2.88 -12.18 -13.35
CA SER A 70 -1.45 -12.34 -13.51
C SER A 70 -0.71 -11.41 -12.53
N PRO A 71 -0.53 -11.86 -11.27
CA PRO A 71 0.13 -11.13 -10.17
C PRO A 71 1.56 -10.75 -10.46
N GLU A 72 2.22 -11.54 -11.32
CA GLU A 72 3.61 -11.27 -11.66
C GLU A 72 3.66 -10.00 -12.49
N THR A 73 2.52 -9.33 -12.61
CA THR A 73 2.47 -8.10 -13.38
C THR A 73 2.43 -6.90 -12.45
N GLU A 74 3.47 -6.09 -12.46
CA GLU A 74 3.52 -4.90 -11.61
C GLU A 74 2.74 -3.77 -12.23
N VAL A 75 1.76 -3.25 -11.47
CA VAL A 75 0.88 -2.17 -11.92
C VAL A 75 1.13 -0.84 -11.22
N ILE A 76 1.52 0.19 -11.97
CA ILE A 76 1.72 1.49 -11.38
C ILE A 76 0.54 2.39 -11.71
N VAL A 77 -0.31 2.73 -10.76
CA VAL A 77 -1.43 3.63 -11.06
C VAL A 77 -0.98 5.07 -11.17
N ILE A 78 -1.34 5.74 -12.27
CA ILE A 78 -1.00 7.18 -12.44
C ILE A 78 -2.30 7.93 -12.63
N THR A 79 -2.55 8.94 -11.82
CA THR A 79 -3.81 9.64 -11.92
C THR A 79 -3.70 11.09 -11.51
N GLY A 80 -4.63 11.90 -12.04
CA GLY A 80 -4.70 13.30 -11.71
C GLY A 80 -5.95 13.47 -10.88
N HIS A 81 -6.69 12.36 -10.72
CA HIS A 81 -7.93 12.34 -9.95
C HIS A 81 -7.80 11.36 -8.79
N GLY A 82 -6.78 11.58 -7.95
CA GLY A 82 -6.58 10.71 -6.80
C GLY A 82 -6.92 11.29 -5.45
N THR A 83 -7.13 10.38 -4.49
CA THR A 83 -7.48 10.75 -3.11
C THR A 83 -6.78 9.78 -2.16
N ILE A 84 -6.44 10.21 -0.95
CA ILE A 84 -5.78 9.27 -0.05
C ILE A 84 -6.56 7.96 0.06
N LYS A 85 -7.88 8.04 0.21
CA LYS A 85 -8.64 6.82 0.30
C LYS A 85 -8.35 6.00 -0.95
N THR A 86 -8.74 6.54 -2.09
CA THR A 86 -8.53 5.88 -3.37
C THR A 86 -7.09 5.35 -3.57
N ALA A 87 -6.09 6.06 -3.05
CA ALA A 87 -4.74 5.56 -3.24
C ALA A 87 -4.52 4.38 -2.31
N VAL A 88 -5.01 4.47 -1.08
CA VAL A 88 -4.81 3.37 -0.14
C VAL A 88 -5.48 2.08 -0.66
N GLU A 89 -6.69 2.20 -1.19
CA GLU A 89 -7.39 1.06 -1.74
C GLU A 89 -6.54 0.47 -2.88
N ALA A 90 -5.97 1.34 -3.70
CA ALA A 90 -5.14 0.88 -4.81
C ALA A 90 -4.02 0.01 -4.27
N MET A 91 -3.33 0.53 -3.25
CA MET A 91 -2.23 -0.19 -2.62
C MET A 91 -2.69 -1.51 -2.04
N LYS A 92 -3.79 -1.46 -1.31
CA LYS A 92 -4.37 -2.64 -0.68
C LYS A 92 -4.63 -3.78 -1.69
N MET A 93 -4.91 -3.39 -2.94
CA MET A 93 -5.22 -4.32 -4.02
C MET A 93 -3.99 -4.86 -4.74
N GLY A 94 -2.81 -4.40 -4.31
CA GLY A 94 -1.56 -4.87 -4.87
C GLY A 94 -0.98 -4.05 -5.98
N ALA A 95 -0.87 -2.74 -5.78
CA ALA A 95 -0.32 -1.88 -6.83
C ALA A 95 1.01 -1.29 -6.39
N TYR A 96 2.08 -1.72 -7.04
CA TYR A 96 3.42 -1.27 -6.70
C TYR A 96 3.46 0.15 -6.16
N ASP A 97 3.01 1.12 -6.95
CA ASP A 97 3.00 2.49 -6.47
C ASP A 97 1.77 3.18 -7.02
N PHE A 98 1.62 4.45 -6.67
CA PHE A 98 0.48 5.26 -7.06
C PHE A 98 1.02 6.67 -7.29
N LEU A 99 1.29 6.97 -8.54
CA LEU A 99 1.81 8.26 -8.96
C LEU A 99 0.71 9.31 -9.21
N THR A 100 1.00 10.56 -8.86
CA THR A 100 0.03 11.63 -9.00
C THR A 100 0.34 12.64 -10.12
N LYS A 101 -0.61 12.83 -11.03
CA LYS A 101 -0.49 13.78 -12.14
C LYS A 101 -0.54 15.19 -11.56
N PRO A 102 0.40 16.05 -11.97
CA PRO A 102 1.49 15.79 -12.91
C PRO A 102 2.62 14.97 -12.35
N CYS A 103 3.24 14.19 -13.22
CA CYS A 103 4.36 13.37 -12.84
C CYS A 103 5.43 13.37 -13.92
N MET A 104 6.61 13.87 -13.59
CA MET A 104 7.71 13.91 -14.52
C MET A 104 8.00 12.53 -15.15
N LEU A 105 8.44 12.53 -16.41
CA LEU A 105 8.73 11.29 -17.12
C LEU A 105 9.76 10.46 -16.38
N GLU A 106 10.93 11.06 -16.24
CA GLU A 106 12.04 10.43 -15.56
C GLU A 106 11.59 9.66 -14.33
N GLU A 107 10.66 10.24 -13.56
CA GLU A 107 10.20 9.53 -12.38
C GLU A 107 9.41 8.31 -12.84
N ILE A 108 8.45 8.51 -13.75
CA ILE A 108 7.67 7.37 -14.24
C ILE A 108 8.63 6.24 -14.63
N GLU A 109 9.79 6.60 -15.18
CA GLU A 109 10.79 5.62 -15.60
C GLU A 109 11.32 4.89 -14.37
N LEU A 110 11.83 5.66 -13.43
CA LEU A 110 12.37 5.16 -12.16
C LEU A 110 11.42 4.15 -11.53
N THR A 111 10.23 4.65 -11.21
CA THR A 111 9.16 3.85 -10.62
C THR A 111 8.90 2.56 -11.42
N ILE A 112 9.10 2.58 -12.73
CA ILE A 112 8.88 1.39 -13.55
C ILE A 112 9.99 0.42 -13.27
N ASN A 113 11.22 0.92 -13.19
CA ASN A 113 12.39 0.06 -12.92
C ASN A 113 12.30 -0.55 -11.54
N LYS A 114 12.00 0.28 -10.54
CA LYS A 114 11.83 -0.21 -9.18
C LYS A 114 10.76 -1.28 -9.25
N ALA A 115 9.67 -0.99 -9.94
CA ALA A 115 8.61 -1.97 -10.06
C ALA A 115 9.22 -3.26 -10.57
N ILE A 116 10.12 -3.19 -11.54
CA ILE A 116 10.71 -4.42 -12.06
C ILE A 116 11.59 -5.11 -11.05
N GLU A 117 12.43 -4.34 -10.36
CA GLU A 117 13.30 -4.89 -9.34
C GLU A 117 12.47 -5.75 -8.38
N HIS A 118 11.40 -5.16 -7.83
CA HIS A 118 10.52 -5.84 -6.91
C HIS A 118 9.98 -7.13 -7.50
N ARG A 119 9.32 -7.02 -8.64
CA ARG A 119 8.72 -8.17 -9.34
C ARG A 119 9.76 -9.27 -9.46
N LYS A 120 11.03 -8.89 -9.37
CA LYS A 120 12.15 -9.81 -9.49
C LYS A 120 12.64 -10.42 -8.18
N LEU A 121 12.92 -9.60 -7.16
CA LEU A 121 13.35 -10.13 -5.88
C LEU A 121 12.34 -11.18 -5.52
N ARG A 122 11.08 -10.77 -5.42
CA ARG A 122 10.02 -11.70 -5.07
C ARG A 122 10.19 -13.03 -5.80
N LYS A 123 10.74 -13.00 -7.02
CA LYS A 123 10.99 -14.23 -7.80
C LYS A 123 12.12 -15.01 -7.13
N GLU A 124 13.29 -14.40 -7.05
CA GLU A 124 14.45 -15.04 -6.43
C GLU A 124 14.06 -15.71 -5.11
N ASN A 125 13.44 -14.95 -4.19
CA ASN A 125 13.02 -15.50 -2.91
C ASN A 125 12.09 -16.67 -3.08
N GLU A 126 11.20 -16.59 -4.06
CA GLU A 126 10.29 -17.67 -4.32
C GLU A 126 11.09 -18.87 -4.81
N LEU A 127 12.23 -18.63 -5.42
CA LEU A 127 13.08 -19.71 -5.91
C LEU A 127 13.80 -20.38 -4.72
N LEU A 128 14.27 -19.55 -3.78
CA LEU A 128 14.93 -20.06 -2.58
C LEU A 128 13.94 -20.93 -1.83
N ARG A 129 12.81 -20.38 -1.40
CA ARG A 129 11.85 -21.22 -0.68
C ARG A 129 11.65 -22.60 -1.33
N ARG A 130 12.02 -22.72 -2.60
CA ARG A 130 11.92 -24.00 -3.29
C ARG A 130 13.25 -24.71 -3.04
N GLU A 131 14.35 -23.99 -3.21
CA GLU A 131 15.71 -24.50 -2.97
C GLU A 131 15.79 -25.02 -1.52
N LYS A 132 15.43 -24.14 -0.60
CA LYS A 132 15.39 -24.42 0.83
C LYS A 132 14.25 -25.43 0.92
N ASP A 133 13.16 -25.09 1.63
CA ASP A 133 12.00 -25.97 1.78
C ASP A 133 12.06 -27.30 1.06
N LEU A 134 12.28 -27.25 -0.25
CA LEU A 134 12.39 -28.49 -1.02
C LEU A 134 13.84 -28.98 -0.92
N LYS A 135 14.56 -28.92 -2.04
CA LYS A 135 15.95 -29.37 -2.12
C LYS A 135 16.60 -29.70 -0.77
N GLU A 136 17.64 -28.96 -0.39
CA GLU A 136 18.34 -29.22 0.88
C GLU A 136 17.45 -29.00 2.09
N LYS A 137 16.40 -29.81 2.16
CA LYS A 137 15.44 -29.79 3.26
C LYS A 137 14.67 -31.11 3.22
N LEU A 138 14.88 -31.84 2.13
CA LEU A 138 14.26 -33.15 1.94
C LEU A 138 15.13 -34.16 2.68
N ALA A 139 14.88 -34.29 3.98
CA ALA A 139 15.64 -35.18 4.87
C ALA A 139 17.13 -35.05 4.59
N ALA A 140 17.47 -34.06 3.76
CA ALA A 140 18.85 -33.79 3.39
C ALA A 140 19.33 -32.65 4.29
N MET B 1 -6.92 -8.98 23.37
CA MET B 1 -6.59 -7.97 22.33
C MET B 1 -6.11 -6.64 22.90
N ASN B 2 -5.02 -6.12 22.35
CA ASN B 2 -4.46 -4.85 22.79
C ASN B 2 -4.57 -3.77 21.73
N VAL B 3 -4.33 -2.53 22.14
CA VAL B 3 -4.41 -1.38 21.28
C VAL B 3 -3.52 -0.25 21.76
N LEU B 4 -2.42 -0.03 21.07
CA LEU B 4 -1.54 1.05 21.46
C LEU B 4 -1.82 2.33 20.67
N VAL B 5 -2.35 3.32 21.36
CA VAL B 5 -2.70 4.61 20.80
C VAL B 5 -1.55 5.59 20.84
N ILE B 6 -1.01 6.00 19.70
CA ILE B 6 0.10 6.95 19.74
C ILE B 6 -0.22 8.41 19.37
N GLU B 7 -1.40 8.89 19.75
CA GLU B 7 -1.76 10.29 19.45
C GLU B 7 -1.20 11.32 20.45
N ASP B 8 -0.83 12.50 19.99
CA ASP B 8 -0.32 13.55 20.91
C ASP B 8 -1.38 14.60 21.27
N ASP B 9 -2.64 14.31 20.95
CA ASP B 9 -3.73 15.22 21.24
C ASP B 9 -4.66 14.65 22.31
N LYS B 10 -4.64 15.29 23.47
CA LYS B 10 -5.43 14.90 24.62
C LYS B 10 -6.85 14.54 24.20
N VAL B 11 -7.39 15.34 23.30
CA VAL B 11 -8.75 15.15 22.83
C VAL B 11 -9.00 13.90 22.02
N PHE B 12 -8.18 13.67 21.00
CA PHE B 12 -8.43 12.49 20.21
C PHE B 12 -7.94 11.28 21.00
N ARG B 13 -6.75 11.42 21.57
CA ARG B 13 -6.15 10.34 22.38
C ARG B 13 -7.15 9.91 23.44
N GLY B 14 -7.58 10.85 24.27
CA GLY B 14 -8.56 10.52 25.27
C GLY B 14 -9.75 9.86 24.58
N LEU B 15 -10.49 10.67 23.83
CA LEU B 15 -11.67 10.21 23.11
C LEU B 15 -11.50 8.77 22.60
N LEU B 16 -10.29 8.45 22.13
CA LEU B 16 -10.01 7.12 21.61
C LEU B 16 -9.93 6.08 22.70
N GLU B 17 -9.38 6.46 23.87
CA GLU B 17 -9.26 5.55 25.02
C GLU B 17 -10.65 5.20 25.53
N GLU B 18 -11.40 6.25 25.85
CA GLU B 18 -12.75 6.13 26.35
C GLU B 18 -13.70 5.34 25.41
N TYR B 19 -13.42 5.35 24.11
CA TYR B 19 -14.29 4.62 23.18
C TYR B 19 -13.86 3.18 23.09
N LEU B 20 -12.58 2.95 22.83
CA LEU B 20 -12.11 1.59 22.70
C LEU B 20 -12.29 0.72 23.95
N SER B 21 -12.56 1.37 25.09
CA SER B 21 -12.79 0.63 26.32
C SER B 21 -14.16 -0.02 26.29
N MET B 22 -15.20 0.78 26.09
CA MET B 22 -16.58 0.27 26.01
C MET B 22 -16.74 -0.99 25.14
N LYS B 23 -15.89 -1.12 24.12
CA LYS B 23 -15.92 -2.27 23.24
C LYS B 23 -15.42 -3.46 24.05
N GLY B 24 -14.36 -3.24 24.80
CA GLY B 24 -13.75 -4.27 25.63
C GLY B 24 -12.35 -4.50 25.11
N ILE B 25 -11.48 -3.50 25.33
CA ILE B 25 -10.10 -3.58 24.82
C ILE B 25 -9.06 -2.89 25.70
N LYS B 26 -7.92 -3.55 25.88
CA LYS B 26 -6.85 -2.97 26.67
C LYS B 26 -6.20 -1.84 25.87
N VAL B 27 -6.63 -0.62 26.11
CA VAL B 27 -6.07 0.52 25.39
C VAL B 27 -5.03 1.26 26.22
N GLU B 28 -3.96 1.71 25.57
CA GLU B 28 -2.89 2.44 26.26
C GLU B 28 -2.31 3.57 25.41
N SER B 29 -2.57 4.80 25.83
CA SER B 29 -2.10 5.99 25.13
C SER B 29 -0.57 6.13 24.96
N ALA B 30 -0.13 7.34 24.57
CA ALA B 30 1.29 7.66 24.37
C ALA B 30 1.46 9.07 23.81
N GLU B 31 1.69 10.05 24.68
CA GLU B 31 1.86 11.45 24.29
C GLU B 31 2.89 11.76 23.22
N ARG B 32 4.10 11.18 23.34
CA ARG B 32 5.16 11.44 22.36
C ARG B 32 5.76 10.20 21.77
N GLY B 33 6.90 10.35 21.11
CA GLY B 33 7.57 9.24 20.46
C GLY B 33 8.12 8.15 21.34
N LYS B 34 9.10 8.50 22.16
CA LYS B 34 9.73 7.53 23.06
C LYS B 34 8.71 6.85 23.96
N GLU B 35 7.80 7.63 24.54
CA GLU B 35 6.78 7.05 25.39
C GLU B 35 6.31 5.77 24.73
N ALA B 36 5.87 5.90 23.47
CA ALA B 36 5.39 4.76 22.71
C ALA B 36 6.51 3.78 22.37
N TYR B 37 7.69 4.29 22.03
CA TYR B 37 8.81 3.42 21.72
C TYR B 37 9.13 2.48 22.89
N LYS B 38 8.94 2.97 24.11
CA LYS B 38 9.22 2.15 25.28
C LYS B 38 8.15 1.08 25.43
N LEU B 39 6.88 1.48 25.57
CA LEU B 39 5.79 0.51 25.71
C LEU B 39 5.78 -0.60 24.67
N LEU B 40 6.40 -0.35 23.52
CA LEU B 40 6.44 -1.38 22.48
C LEU B 40 7.64 -2.28 22.71
N SER B 41 8.59 -1.78 23.49
CA SER B 41 9.78 -2.54 23.81
C SER B 41 9.49 -3.32 25.10
N GLU B 42 8.32 -3.05 25.70
CA GLU B 42 7.89 -3.72 26.94
C GLU B 42 6.79 -4.76 26.74
N LYS B 43 5.72 -4.36 26.06
CA LYS B 43 4.59 -5.24 25.83
C LYS B 43 4.27 -5.42 24.33
N HIS B 44 3.33 -6.30 24.03
CA HIS B 44 2.94 -6.60 22.66
C HIS B 44 1.47 -6.29 22.40
N PHE B 45 1.20 -5.32 21.53
CA PHE B 45 -0.19 -4.98 21.21
C PHE B 45 -0.56 -5.56 19.86
N ASN B 46 -1.79 -6.05 19.74
CA ASN B 46 -2.25 -6.63 18.50
C ASN B 46 -2.23 -5.54 17.43
N VAL B 47 -2.95 -4.45 17.74
CA VAL B 47 -3.11 -3.29 16.87
C VAL B 47 -2.56 -1.98 17.42
N VAL B 48 -1.96 -1.18 16.57
CA VAL B 48 -1.44 0.10 17.00
C VAL B 48 -2.04 1.17 16.11
N LEU B 49 -2.53 2.23 16.74
CA LEU B 49 -3.14 3.35 16.06
C LEU B 49 -2.15 4.50 16.08
N LEU B 50 -1.21 4.45 15.14
CA LEU B 50 -0.18 5.45 15.02
C LEU B 50 -0.68 6.74 14.36
N PHD B 51 -0.24 7.88 14.91
CA PHD B 51 -0.56 9.17 14.34
C PHD B 51 0.72 9.61 13.65
O PHD B 51 1.82 9.47 14.17
CB PHD B 51 -1.01 10.20 15.38
CG PHD B 51 -0.81 11.64 14.88
OD1 PHD B 51 -1.75 12.29 14.34
OD2 PHD B 51 0.35 12.10 14.97
P PHD B 51 -1.64 13.63 13.63
OP1 PHD B 51 -0.65 13.50 12.52
OP2 PHD B 51 -2.99 14.00 13.09
OP3 PHD B 51 -1.18 14.64 14.63
N LEU B 52 0.54 10.17 12.47
CA LEU B 52 1.63 10.60 11.64
C LEU B 52 2.56 11.67 12.22
N LEU B 53 2.05 12.86 12.55
CA LEU B 53 2.93 13.93 13.04
C LEU B 53 2.96 14.17 14.55
N LEU B 54 4.01 13.66 15.18
CA LEU B 54 4.22 13.80 16.61
C LEU B 54 5.28 14.91 16.77
N PRO B 55 5.46 15.42 18.00
CA PRO B 55 6.42 16.49 18.27
C PRO B 55 7.88 16.12 17.98
N ASP B 56 8.31 15.04 18.61
CA ASP B 56 9.67 14.52 18.51
C ASP B 56 9.99 13.71 17.26
N VAL B 57 9.23 12.64 17.07
CA VAL B 57 9.43 11.72 15.95
C VAL B 57 8.35 11.80 14.86
N ASN B 58 8.69 11.29 13.68
CA ASN B 58 7.79 11.24 12.54
C ASN B 58 7.13 9.87 12.43
N GLY B 59 5.95 9.75 13.03
CA GLY B 59 5.20 8.51 13.02
C GLY B 59 5.62 7.37 12.11
N LEU B 60 5.82 7.64 10.82
CA LEU B 60 6.22 6.57 9.91
C LEU B 60 7.38 5.79 10.53
N GLU B 61 8.39 6.51 10.98
CA GLU B 61 9.55 5.90 11.60
C GLU B 61 9.08 4.87 12.60
N ILE B 62 8.17 5.27 13.47
CA ILE B 62 7.63 4.35 14.46
C ILE B 62 7.04 3.16 13.74
N LEU B 63 6.27 3.42 12.68
CA LEU B 63 5.67 2.36 11.89
C LEU B 63 6.75 1.42 11.36
N LYS B 64 7.84 2.01 10.86
CA LYS B 64 8.95 1.24 10.32
C LYS B 64 9.35 0.26 11.43
N TRP B 65 9.77 0.85 12.54
CA TRP B 65 10.20 0.13 13.74
C TRP B 65 9.25 -1.03 14.07
N ILE B 66 8.01 -0.70 14.42
CA ILE B 66 7.00 -1.71 14.76
C ILE B 66 6.96 -2.90 13.81
N LYS B 67 7.32 -2.69 12.56
CA LYS B 67 7.27 -3.79 11.62
C LYS B 67 8.51 -4.65 11.59
N GLU B 68 9.67 -4.01 11.57
CA GLU B 68 10.93 -4.73 11.53
C GLU B 68 11.17 -5.46 12.87
N ARG B 69 10.49 -4.99 13.92
CA ARG B 69 10.61 -5.58 15.26
C ARG B 69 9.61 -6.71 15.42
N SER B 70 8.33 -6.33 15.44
CA SER B 70 7.26 -7.31 15.58
C SER B 70 6.24 -7.15 14.43
N PRO B 71 6.57 -7.71 13.25
CA PRO B 71 5.77 -7.69 12.02
C PRO B 71 4.38 -8.35 12.09
N GLU B 72 3.91 -8.64 13.30
CA GLU B 72 2.60 -9.26 13.46
C GLU B 72 1.64 -8.24 14.08
N THR B 73 2.21 -7.16 14.58
CA THR B 73 1.41 -6.09 15.16
C THR B 73 0.90 -5.25 14.01
N GLU B 74 -0.42 -5.17 13.84
CA GLU B 74 -0.98 -4.37 12.76
C GLU B 74 -1.11 -2.91 13.13
N VAL B 75 -0.64 -2.05 12.23
CA VAL B 75 -0.69 -0.61 12.44
C VAL B 75 -1.73 0.07 11.55
N ILE B 76 -2.48 0.98 12.16
CA ILE B 76 -3.47 1.75 11.43
C ILE B 76 -3.10 3.21 11.69
N VAL B 77 -2.47 3.83 10.69
CA VAL B 77 -2.11 5.24 10.80
C VAL B 77 -3.35 6.13 10.62
N ILE B 78 -3.79 6.83 11.66
CA ILE B 78 -4.90 7.74 11.44
C ILE B 78 -4.29 9.10 11.68
N THR B 79 -4.49 10.01 10.72
CA THR B 79 -3.89 11.34 10.80
C THR B 79 -4.72 12.42 10.14
N GLY B 80 -4.33 13.67 10.38
CA GLY B 80 -4.99 14.83 9.81
C GLY B 80 -4.02 15.62 8.95
N HIS B 81 -2.80 15.11 8.85
CA HIS B 81 -1.75 15.71 8.06
C HIS B 81 -1.32 14.71 6.98
N GLY B 82 -2.31 14.14 6.28
CA GLY B 82 -2.02 13.17 5.24
C GLY B 82 -1.96 13.63 3.79
N THR B 83 -1.05 13.00 3.05
CA THR B 83 -0.85 13.26 1.63
C THR B 83 -0.77 11.93 0.91
N ILE B 84 -1.31 11.84 -0.30
CA ILE B 84 -1.27 10.57 -1.02
C ILE B 84 0.11 9.95 -1.05
N LYS B 85 1.16 10.75 -1.19
CA LYS B 85 2.49 10.15 -1.24
C LYS B 85 2.77 9.42 0.07
N THR B 86 2.54 10.13 1.17
CA THR B 86 2.74 9.59 2.51
C THR B 86 1.95 8.28 2.68
N ALA B 87 0.65 8.34 2.45
CA ALA B 87 -0.20 7.17 2.55
C ALA B 87 0.37 6.05 1.65
N VAL B 88 0.61 6.36 0.38
CA VAL B 88 1.16 5.33 -0.48
C VAL B 88 2.41 4.77 0.16
N GLU B 89 3.20 5.64 0.79
CA GLU B 89 4.43 5.18 1.44
C GLU B 89 4.10 4.29 2.63
N ALA B 90 3.37 4.84 3.59
CA ALA B 90 2.96 4.11 4.78
C ALA B 90 2.55 2.70 4.40
N MET B 91 1.69 2.58 3.39
CA MET B 91 1.23 1.28 2.91
C MET B 91 2.37 0.35 2.53
N LYS B 92 3.26 0.88 1.70
CA LYS B 92 4.41 0.16 1.17
C LYS B 92 5.39 -0.28 2.27
N MET B 93 5.15 0.21 3.49
CA MET B 93 6.00 -0.10 4.65
C MET B 93 5.39 -1.12 5.61
N GLY B 94 4.07 -1.22 5.61
CA GLY B 94 3.40 -2.17 6.48
C GLY B 94 1.97 -1.84 6.85
N ALA B 95 1.69 -0.57 7.13
CA ALA B 95 0.36 -0.11 7.55
C ALA B 95 -0.81 -0.87 6.96
N TYR B 96 -1.74 -1.31 7.81
CA TYR B 96 -2.90 -2.03 7.32
C TYR B 96 -3.81 -1.07 6.56
N ASP B 97 -4.00 0.11 7.15
CA ASP B 97 -4.83 1.12 6.54
C ASP B 97 -4.25 2.48 6.92
N PHE B 98 -4.78 3.53 6.30
CA PHE B 98 -4.32 4.90 6.52
C PHE B 98 -5.57 5.77 6.57
N LEU B 99 -6.07 6.02 7.78
CA LEU B 99 -7.27 6.81 7.95
C LEU B 99 -7.04 8.31 8.15
N THR B 100 -7.98 9.10 7.64
CA THR B 100 -7.87 10.53 7.70
C THR B 100 -8.82 11.18 8.70
N LYS B 101 -8.33 12.19 9.40
CA LYS B 101 -9.09 12.97 10.38
C LYS B 101 -9.77 14.10 9.61
N PRO B 102 -11.08 14.32 9.84
CA PRO B 102 -11.97 13.60 10.74
C PRO B 102 -12.28 12.18 10.30
N CYS B 103 -12.69 11.37 11.26
CA CYS B 103 -12.99 9.96 11.03
C CYS B 103 -13.93 9.49 12.12
N MET B 104 -15.13 9.04 11.76
CA MET B 104 -16.05 8.61 12.80
C MET B 104 -15.48 7.42 13.58
N LEU B 105 -15.78 7.36 14.88
CA LEU B 105 -15.26 6.29 15.74
C LEU B 105 -15.60 4.89 15.22
N GLU B 106 -16.85 4.71 14.79
CA GLU B 106 -17.31 3.42 14.26
C GLU B 106 -16.32 2.96 13.18
N GLU B 107 -16.02 3.84 12.24
CA GLU B 107 -15.10 3.48 11.18
C GLU B 107 -13.74 3.17 11.79
N ILE B 108 -13.28 3.94 12.77
CA ILE B 108 -11.97 3.57 13.31
C ILE B 108 -12.04 2.20 13.98
N GLU B 109 -13.09 1.97 14.76
CA GLU B 109 -13.25 0.68 15.44
C GLU B 109 -13.20 -0.42 14.40
N LEU B 110 -14.20 -0.40 13.54
CA LEU B 110 -14.35 -1.38 12.49
C LEU B 110 -13.08 -1.62 11.70
N THR B 111 -12.29 -0.56 11.50
CA THR B 111 -11.05 -0.74 10.76
C THR B 111 -10.02 -1.44 11.63
N ILE B 112 -10.43 -1.79 12.85
CA ILE B 112 -9.52 -2.51 13.73
C ILE B 112 -9.95 -3.97 13.67
N ASN B 113 -11.26 -4.22 13.65
CA ASN B 113 -11.75 -5.60 13.56
C ASN B 113 -11.19 -6.19 12.28
N LYS B 114 -11.37 -5.47 11.18
CA LYS B 114 -10.87 -5.91 9.88
C LYS B 114 -9.33 -6.04 9.88
N ALA B 115 -8.68 -5.43 10.86
CA ALA B 115 -7.23 -5.47 10.96
C ALA B 115 -6.75 -6.80 11.54
N ILE B 116 -7.51 -7.31 12.50
CA ILE B 116 -7.17 -8.56 13.15
C ILE B 116 -7.58 -9.70 12.24
N GLU B 117 -8.78 -9.60 11.68
CA GLU B 117 -9.28 -10.62 10.78
C GLU B 117 -8.18 -10.93 9.76
N HIS B 118 -7.58 -9.87 9.22
CA HIS B 118 -6.51 -10.02 8.24
C HIS B 118 -5.21 -10.43 8.92
N ARG B 119 -5.11 -10.16 10.22
CA ARG B 119 -3.92 -10.50 11.01
C ARG B 119 -4.02 -11.97 11.44
N LYS B 120 -5.11 -12.61 11.04
CA LYS B 120 -5.39 -14.01 11.35
C LYS B 120 -5.20 -14.89 10.12
N LEU B 121 -5.89 -14.56 9.03
CA LEU B 121 -5.76 -15.33 7.80
C LEU B 121 -4.34 -15.14 7.25
N ARG B 122 -3.39 -15.63 8.05
CA ARG B 122 -1.98 -15.60 7.77
C ARG B 122 -1.37 -16.59 8.75
N LYS B 123 -1.94 -16.64 9.95
CA LYS B 123 -1.50 -17.60 10.97
C LYS B 123 -2.00 -18.93 10.41
N GLU B 124 -3.20 -18.88 9.83
CA GLU B 124 -3.80 -20.06 9.23
C GLU B 124 -3.01 -20.39 7.97
N ASN B 125 -2.46 -19.36 7.34
CA ASN B 125 -1.67 -19.54 6.12
C ASN B 125 -0.18 -19.31 6.41
MG MG C . -8.72 11.04 -18.30
#